data_6UYZ
#
_entry.id   6UYZ
#
_cell.length_a   100.224
_cell.length_b   38.316
_cell.length_c   67.721
_cell.angle_alpha   90.00
_cell.angle_beta   119.91
_cell.angle_gamma   90.00
#
_symmetry.space_group_name_H-M   'C 1 2 1'
#
loop_
_entity.id
_entity.type
_entity.pdbx_description
1 polymer 'Small ubiquitin-related modifier 1'
2 polymer 'phosphorylated DAXX'
3 water water
#
loop_
_entity_poly.entity_id
_entity_poly.type
_entity_poly.pdbx_seq_one_letter_code
_entity_poly.pdbx_strand_id
1 'polypeptide(L)'
;GSKEGEYIKLKVIGQDSSEIHFKVKMTTHLK(ALY)LKESYAQRQGVPMNSLRFLFEGQRIADNHTPKELGMEEEDVIEV
YQEQTGG
;
A,C
2 'polypeptide(L)' GSGEAEERIIVL(SEP)D(SEP)DY B,D
#
# COMPACT_ATOMS: atom_id res chain seq x y z
N GLU A 6 -3.68 24.86 -10.87
CA GLU A 6 -2.22 24.82 -10.81
C GLU A 6 -1.74 23.37 -10.88
N TYR A 7 -1.41 22.97 -12.09
CA TYR A 7 -1.01 21.60 -12.39
C TYR A 7 0.50 21.50 -12.49
N ILE A 8 1.00 20.29 -12.26
CA ILE A 8 2.36 19.95 -12.65
C ILE A 8 2.24 18.70 -13.51
N LYS A 9 3.23 18.48 -14.34
CA LYS A 9 3.31 17.26 -15.15
C LYS A 9 4.33 16.31 -14.56
N LEU A 10 3.92 15.06 -14.34
CA LEU A 10 4.76 13.99 -13.82
C LEU A 10 5.00 12.99 -14.93
N LYS A 11 6.17 12.36 -14.91
N LYS A 11 6.21 12.46 -15.01
CA LYS A 11 6.58 11.41 -15.95
CA LYS A 11 6.54 11.40 -15.95
C LYS A 11 6.72 10.02 -15.34
C LYS A 11 6.55 10.08 -15.21
N VAL A 12 5.88 9.08 -15.76
CA VAL A 12 5.83 7.75 -15.20
C VAL A 12 6.54 6.82 -16.16
N ILE A 13 7.62 6.18 -15.69
CA ILE A 13 8.49 5.35 -16.51
C ILE A 13 8.29 3.90 -16.12
N GLY A 14 8.00 3.07 -17.11
CA GLY A 14 7.73 1.66 -16.86
C GLY A 14 8.95 0.80 -17.00
N GLN A 15 8.73 -0.49 -16.69
CA GLN A 15 9.80 -1.47 -16.69
C GLN A 15 10.44 -1.63 -18.05
N ASP A 16 9.71 -1.31 -19.12
CA ASP A 16 10.21 -1.39 -20.48
C ASP A 16 10.70 -0.06 -21.04
N SER A 17 10.83 0.96 -20.20
CA SER A 17 11.33 2.28 -20.55
C SER A 17 10.28 3.14 -21.27
N SER A 18 9.06 2.65 -21.45
CA SER A 18 8.01 3.51 -21.99
C SER A 18 7.62 4.54 -20.94
N GLU A 19 6.97 5.61 -21.40
CA GLU A 19 6.59 6.71 -20.52
C GLU A 19 5.14 7.10 -20.76
N ILE A 20 4.43 7.40 -19.68
CA ILE A 20 3.13 8.10 -19.74
C ILE A 20 3.25 9.31 -18.83
N HIS A 21 2.84 10.47 -19.31
CA HIS A 21 2.86 11.69 -18.52
CA HIS A 21 2.87 11.66 -18.47
C HIS A 21 1.47 11.94 -17.94
N PHE A 22 1.44 12.53 -16.74
CA PHE A 22 0.18 12.84 -16.08
C PHE A 22 0.21 14.28 -15.63
N LYS A 23 -0.82 15.03 -15.96
CA LYS A 23 -1.01 16.38 -15.42
C LYS A 23 -1.90 16.26 -14.18
N VAL A 24 -1.36 16.70 -13.03
CA VAL A 24 -2.02 16.55 -11.74
C VAL A 24 -1.97 17.89 -11.02
N LYS A 25 -2.90 18.03 -10.08
CA LYS A 25 -2.85 19.13 -9.13
C LYS A 25 -1.99 18.73 -7.94
N MET A 26 -1.52 19.74 -7.20
CA MET A 26 -0.74 19.46 -6.00
C MET A 26 -1.54 18.68 -4.98
N THR A 27 -2.88 18.72 -5.08
CA THR A 27 -3.80 18.05 -4.17
C THR A 27 -4.35 16.74 -4.70
N THR A 28 -3.95 16.29 -5.88
CA THR A 28 -4.51 15.07 -6.45
C THR A 28 -3.98 13.87 -5.67
N HIS A 29 -4.90 13.01 -5.20
CA HIS A 29 -4.48 11.76 -4.58
C HIS A 29 -3.82 10.86 -5.62
N LEU A 30 -2.62 10.38 -5.32
CA LEU A 30 -1.86 9.66 -6.33
C LEU A 30 -2.43 8.30 -6.65
N LYS A 31 -3.38 7.79 -5.85
CA LYS A 31 -4.18 6.63 -6.26
C LYS A 31 -4.70 6.81 -7.68
OH ALY A 32 -9.29 9.88 -12.98
CH ALY A 32 -9.15 10.83 -12.17
CH3 ALY A 32 -9.30 12.26 -12.61
NZ ALY A 32 -8.86 10.61 -10.84
CE ALY A 32 -8.67 11.64 -9.86
CD ALY A 32 -8.07 11.21 -8.51
CG ALY A 32 -7.48 9.82 -8.51
CB ALY A 32 -6.30 9.66 -9.45
CA ALY A 32 -5.68 8.26 -9.32
N ALY A 32 -5.12 8.03 -8.02
C ALY A 32 -4.71 8.02 -10.44
O ALY A 32 -5.04 7.51 -11.51
HH31 ALY A 32 -8.33 12.80 -12.44
HH32 ALY A 32 -10.12 12.74 -12.03
HH33 ALY A 32 -9.55 12.28 -13.71
HZ ALY A 32 -8.77 9.67 -10.53
HE3 ALY A 32 -9.67 12.11 -9.66
HE2 ALY A 32 -8.00 12.42 -10.31
HD3 ALY A 32 -8.86 11.26 -7.72
HD2 ALY A 32 -7.26 11.94 -8.22
HG3 ALY A 32 -8.27 9.08 -8.81
HG2 ALY A 32 -7.16 9.54 -7.47
HB3 ALY A 32 -5.53 10.45 -9.21
HB2 ALY A 32 -6.64 9.84 -10.50
HA ALY A 32 -6.47 7.48 -9.53
H ALY A 32 -5.07 8.86 -7.45
N LEU A 33 -3.46 8.38 -10.19
CA LEU A 33 -2.40 8.17 -11.18
C LEU A 33 -2.06 6.69 -11.28
N LYS A 34 -1.93 6.03 -10.13
CA LYS A 34 -1.59 4.61 -10.10
C LYS A 34 -2.66 3.79 -10.80
N GLU A 35 -3.94 4.08 -10.51
CA GLU A 35 -5.04 3.36 -11.14
C GLU A 35 -5.08 3.59 -12.64
N SER A 36 -4.87 4.83 -13.07
CA SER A 36 -4.92 5.13 -14.50
C SER A 36 -3.79 4.41 -15.23
N TYR A 37 -2.57 4.50 -14.69
CA TYR A 37 -1.45 3.82 -15.31
C TYR A 37 -1.71 2.32 -15.41
N ALA A 38 -2.17 1.71 -14.32
CA ALA A 38 -2.39 0.26 -14.32
C ALA A 38 -3.47 -0.12 -15.31
N GLN A 39 -4.53 0.68 -15.40
CA GLN A 39 -5.60 0.43 -16.35
C GLN A 39 -5.07 0.38 -17.78
N ARG A 40 -4.14 1.29 -18.11
N ARG A 40 -4.17 1.29 -18.13
CA ARG A 40 -3.54 1.38 -19.44
CA ARG A 40 -3.63 1.31 -19.49
C ARG A 40 -2.54 0.27 -19.72
C ARG A 40 -2.69 0.14 -19.73
N GLN A 41 -2.11 -0.43 -18.69
CA GLN A 41 -1.27 -1.61 -18.84
C GLN A 41 -2.07 -2.89 -18.76
N GLY A 42 -3.34 -2.80 -18.39
CA GLY A 42 -4.18 -3.97 -18.26
C GLY A 42 -3.88 -4.88 -17.07
N VAL A 43 -3.43 -4.31 -15.96
CA VAL A 43 -3.10 -5.10 -14.76
C VAL A 43 -3.72 -4.42 -13.53
N PRO A 44 -3.87 -5.18 -12.45
CA PRO A 44 -4.37 -4.54 -11.21
C PRO A 44 -3.37 -3.53 -10.67
N MET A 45 -3.91 -2.41 -10.18
N MET A 45 -3.91 -2.44 -10.13
CA MET A 45 -3.07 -1.35 -9.64
CA MET A 45 -3.06 -1.35 -9.66
C MET A 45 -2.04 -1.93 -8.66
C MET A 45 -2.09 -1.81 -8.59
N ASN A 46 -2.53 -2.67 -7.67
CA ASN A 46 -1.64 -3.13 -6.59
C ASN A 46 -0.75 -4.30 -6.99
N SER A 47 -0.77 -4.73 -8.25
CA SER A 47 0.25 -5.65 -8.75
C SER A 47 1.54 -4.93 -9.11
N LEU A 48 1.54 -3.62 -9.02
CA LEU A 48 2.68 -2.78 -9.33
C LEU A 48 3.10 -2.05 -8.05
N ARG A 49 4.27 -1.45 -8.09
CA ARG A 49 4.72 -0.55 -7.03
C ARG A 49 5.27 0.68 -7.71
N PHE A 50 4.85 1.84 -7.27
CA PHE A 50 5.20 3.12 -7.86
C PHE A 50 6.12 3.86 -6.91
N LEU A 51 7.31 4.23 -7.38
CA LEU A 51 8.35 4.79 -6.52
C LEU A 51 8.67 6.21 -6.97
N PHE A 52 8.84 7.09 -5.98
CA PHE A 52 9.36 8.44 -6.19
C PHE A 52 10.62 8.55 -5.35
N GLU A 53 11.75 8.80 -6.02
CA GLU A 53 13.06 8.77 -5.36
C GLU A 53 13.24 7.49 -4.55
N GLY A 54 12.78 6.38 -5.11
CA GLY A 54 12.96 5.08 -4.50
C GLY A 54 11.96 4.74 -3.41
N GLN A 55 11.05 5.64 -3.06
CA GLN A 55 10.13 5.42 -1.96
C GLN A 55 8.72 5.18 -2.50
N ARG A 56 8.00 4.28 -1.86
CA ARG A 56 6.70 3.85 -2.36
C ARG A 56 5.63 4.92 -2.20
N ILE A 57 4.87 5.13 -3.26
CA ILE A 57 3.77 6.09 -3.26
C ILE A 57 2.51 5.41 -2.74
N ALA A 58 1.92 5.96 -1.68
CA ALA A 58 0.67 5.47 -1.10
C ALA A 58 -0.53 6.06 -1.83
N ASP A 59 -1.69 5.44 -1.63
CA ASP A 59 -2.89 5.87 -2.34
C ASP A 59 -3.24 7.33 -2.03
N ASN A 60 -3.13 7.74 -0.77
CA ASN A 60 -3.54 9.08 -0.36
C ASN A 60 -2.38 10.07 -0.28
N HIS A 61 -1.19 9.70 -0.76
CA HIS A 61 -0.14 10.68 -0.97
C HIS A 61 -0.57 11.65 -2.07
N THR A 62 -0.11 12.88 -1.98
CA THR A 62 -0.32 13.86 -3.03
C THR A 62 1.02 14.42 -3.47
N PRO A 63 1.06 15.09 -4.61
CA PRO A 63 2.33 15.72 -5.02
C PRO A 63 2.85 16.70 -3.99
N LYS A 64 1.96 17.44 -3.33
CA LYS A 64 2.41 18.34 -2.28
C LYS A 64 3.10 17.57 -1.15
N GLU A 65 2.47 16.51 -0.68
CA GLU A 65 3.03 15.79 0.46
C GLU A 65 4.39 15.21 0.12
N LEU A 66 4.59 14.82 -1.11
CA LEU A 66 5.87 14.23 -1.51
C LEU A 66 6.86 15.27 -2.03
N GLY A 67 6.49 16.56 -2.05
CA GLY A 67 7.39 17.59 -2.55
C GLY A 67 7.69 17.50 -4.03
N MET A 68 6.76 16.99 -4.82
CA MET A 68 7.02 16.84 -6.24
C MET A 68 6.95 18.17 -6.96
N GLU A 69 7.61 18.21 -8.10
CA GLU A 69 7.71 19.40 -8.94
C GLU A 69 7.55 19.00 -10.41
N GLU A 70 7.41 20.02 -11.26
CA GLU A 70 7.25 19.79 -12.69
C GLU A 70 8.33 18.89 -13.23
N GLU A 71 7.91 17.88 -14.00
CA GLU A 71 8.75 16.93 -14.72
C GLU A 71 9.40 15.88 -13.82
N ASP A 72 9.01 15.80 -12.56
CA ASP A 72 9.54 14.74 -11.70
C ASP A 72 9.15 13.36 -12.25
N VAL A 73 10.00 12.38 -11.95
CA VAL A 73 9.87 11.02 -12.46
C VAL A 73 9.34 10.10 -11.36
N ILE A 74 8.36 9.29 -11.73
CA ILE A 74 7.87 8.17 -10.93
C ILE A 74 8.25 6.91 -11.69
N GLU A 75 8.87 5.95 -11.00
CA GLU A 75 9.23 4.68 -11.60
C GLU A 75 8.21 3.64 -11.21
N VAL A 76 7.89 2.74 -12.14
CA VAL A 76 6.95 1.65 -11.87
C VAL A 76 7.68 0.31 -12.02
N TYR A 77 7.53 -0.54 -11.00
CA TYR A 77 8.12 -1.85 -10.95
C TYR A 77 7.01 -2.86 -10.68
N GLN A 78 7.26 -4.11 -11.04
CA GLN A 78 6.37 -5.17 -10.57
C GLN A 78 6.46 -5.24 -9.05
N GLU A 79 5.35 -5.59 -8.41
CA GLU A 79 5.42 -5.87 -6.99
C GLU A 79 6.39 -7.01 -6.72
N GLN A 80 7.08 -6.92 -5.58
CA GLN A 80 7.97 -8.01 -5.20
C GLN A 80 7.13 -9.19 -4.75
N THR A 81 7.68 -10.37 -4.92
CA THR A 81 6.97 -11.59 -4.57
C THR A 81 7.73 -12.37 -3.52
N GLY A 82 7.06 -13.40 -3.01
CA GLY A 82 7.67 -14.32 -2.06
C GLY A 82 8.69 -15.23 -2.69
N ALA B 5 7.33 5.68 -29.94
CA ALA B 5 5.99 5.87 -29.36
C ALA B 5 5.65 7.37 -29.33
N GLU B 6 4.37 7.69 -29.50
CA GLU B 6 3.91 9.07 -29.39
C GLU B 6 3.86 9.50 -27.94
N GLU B 7 3.93 10.82 -27.74
CA GLU B 7 3.75 11.40 -26.42
C GLU B 7 2.34 11.14 -25.90
N ARG B 8 2.25 10.81 -24.63
CA ARG B 8 0.98 10.49 -23.99
C ARG B 8 0.91 11.30 -22.69
N ILE B 9 -0.04 12.23 -22.62
CA ILE B 9 -0.33 13.02 -21.43
C ILE B 9 -1.79 12.76 -21.05
N ILE B 10 -1.99 12.33 -19.82
CA ILE B 10 -3.33 12.13 -19.23
C ILE B 10 -3.54 13.20 -18.19
N VAL B 11 -4.65 13.91 -18.28
CA VAL B 11 -5.00 14.92 -17.30
C VAL B 11 -5.90 14.29 -16.24
N LEU B 12 -5.51 14.40 -14.99
CA LEU B 12 -6.33 13.86 -13.90
C LEU B 12 -7.13 14.99 -13.25
N LYS C 3 -1.24 0.75 31.28
CA LYS C 3 -0.49 0.62 30.03
C LYS C 3 -1.00 -0.58 29.22
N GLU C 4 -1.00 -1.75 29.85
CA GLU C 4 -1.61 -2.94 29.24
C GLU C 4 -3.05 -2.64 28.83
N GLY C 5 -3.73 -1.79 29.60
CA GLY C 5 -5.08 -1.43 29.31
C GLY C 5 -5.27 -0.62 28.05
N GLU C 6 -4.19 -0.17 27.41
CA GLU C 6 -4.32 0.60 26.17
C GLU C 6 -4.40 -0.27 24.91
N TYR C 7 -4.23 -1.59 25.02
CA TYR C 7 -4.08 -2.46 23.88
C TYR C 7 -5.38 -3.18 23.53
N ILE C 8 -5.59 -3.37 22.22
CA ILE C 8 -6.64 -4.26 21.74
C ILE C 8 -5.92 -5.40 21.03
N LYS C 9 -6.55 -6.56 21.00
CA LYS C 9 -5.98 -7.73 20.33
C LYS C 9 -6.70 -7.93 19.01
N LEU C 10 -5.92 -8.03 17.94
CA LEU C 10 -6.44 -8.26 16.60
C LEU C 10 -5.97 -9.63 16.15
N LYS C 11 -6.82 -10.34 15.44
CA LYS C 11 -6.49 -11.68 14.92
C LYS C 11 -6.21 -11.60 13.44
N VAL C 12 -5.02 -12.02 13.02
CA VAL C 12 -4.63 -12.01 11.62
C VAL C 12 -4.67 -13.44 11.09
N ILE C 13 -5.54 -13.68 10.11
CA ILE C 13 -5.82 -15.01 9.60
C ILE C 13 -5.23 -15.12 8.21
N GLY C 14 -4.42 -16.15 8.00
CA GLY C 14 -3.76 -16.37 6.75
C GLY C 14 -4.52 -17.28 5.81
N GLN C 15 -3.95 -17.44 4.62
CA GLN C 15 -4.58 -18.20 3.56
C GLN C 15 -4.78 -19.65 3.97
N ASP C 16 -3.92 -20.17 4.84
CA ASP C 16 -4.01 -21.55 5.29
C ASP C 16 -4.79 -21.74 6.57
N SER C 17 -5.48 -20.70 7.05
CA SER C 17 -6.31 -20.72 8.24
C SER C 17 -5.49 -20.56 9.51
N SER C 18 -4.18 -20.40 9.44
CA SER C 18 -3.42 -20.14 10.67
C SER C 18 -3.73 -18.73 11.15
N GLU C 19 -3.41 -18.47 12.42
CA GLU C 19 -3.68 -17.19 13.03
C GLU C 19 -2.47 -16.72 13.82
N ILE C 20 -2.19 -15.43 13.72
CA ILE C 20 -1.27 -14.75 14.63
C ILE C 20 -2.03 -13.56 15.19
N HIS C 21 -1.98 -13.38 16.50
CA HIS C 21 -2.67 -12.31 17.20
CA HIS C 21 -2.68 -12.28 17.13
C HIS C 21 -1.68 -11.19 17.49
N PHE C 22 -2.15 -9.95 17.43
CA PHE C 22 -1.33 -8.79 17.71
C PHE C 22 -2.02 -7.91 18.73
N LYS C 23 -1.28 -7.49 19.72
CA LYS C 23 -1.77 -6.46 20.64
C LYS C 23 -1.22 -5.12 20.16
N VAL C 24 -2.13 -4.18 19.90
CA VAL C 24 -1.79 -2.89 19.31
C VAL C 24 -2.53 -1.81 20.08
N LYS C 25 -1.97 -0.60 20.06
CA LYS C 25 -2.69 0.58 20.55
C LYS C 25 -3.60 1.12 19.45
N MET C 26 -4.57 1.94 19.85
CA MET C 26 -5.50 2.48 18.86
C MET C 26 -4.81 3.37 17.87
N THR C 27 -3.62 3.89 18.22
CA THR C 27 -2.87 4.85 17.42
C THR C 27 -1.72 4.20 16.66
N THR C 28 -1.51 2.90 16.81
CA THR C 28 -0.42 2.18 16.12
C THR C 28 -0.65 2.20 14.61
N HIS C 29 0.37 2.64 13.85
CA HIS C 29 0.31 2.54 12.39
C HIS C 29 0.39 1.06 12.01
N LEU C 30 -0.56 0.60 11.21
CA LEU C 30 -0.68 -0.82 10.93
C LEU C 30 0.41 -1.36 10.03
N LYS C 31 1.25 -0.49 9.45
CA LYS C 31 2.50 -0.95 8.82
C LYS C 31 3.25 -1.89 9.77
OH ALY C 32 8.18 1.12 15.79
CH ALY C 32 7.31 1.51 16.59
CH3 ALY C 32 7.61 2.62 17.57
NZ ALY C 32 6.04 0.96 16.63
CE ALY C 32 5.59 -0.10 15.76
CD ALY C 32 4.62 0.36 14.67
CG ALY C 32 4.77 -0.42 13.38
CB ALY C 32 4.03 -1.73 13.42
CA ALY C 32 4.00 -2.39 12.03
N ALY C 32 3.24 -1.58 11.07
C ALY C 32 3.51 -3.81 12.13
O ALY C 32 4.26 -4.78 12.25
HH31 ALY C 32 7.35 2.27 18.59
HH32 ALY C 32 7.01 3.52 17.29
HH33 ALY C 32 8.71 2.86 17.51
HZ ALY C 32 5.39 1.30 17.29
HE3 ALY C 32 5.10 -0.90 16.39
HE2 ALY C 32 6.50 -0.56 15.27
HD3 ALY C 32 4.79 1.45 14.46
HD2 ALY C 32 3.57 0.25 15.04
HG3 ALY C 32 5.86 -0.61 13.18
HG2 ALY C 32 4.39 0.20 12.53
HB3 ALY C 32 2.98 -1.56 13.78
HB2 ALY C 32 4.53 -2.42 14.14
HA ALY C 32 5.04 -2.55 11.62
H ALY C 32 2.76 -0.82 11.50
N LEU C 33 2.20 -3.95 12.07
CA LEU C 33 1.57 -5.25 12.08
C LEU C 33 1.85 -6.01 10.78
N LYS C 34 1.68 -5.34 9.63
CA LYS C 34 1.91 -6.00 8.36
C LYS C 34 3.36 -6.47 8.23
N GLU C 35 4.32 -5.64 8.65
CA GLU C 35 5.73 -6.00 8.58
C GLU C 35 6.03 -7.17 9.49
N SER C 36 5.49 -7.17 10.70
CA SER C 36 5.77 -8.24 11.64
C SER C 36 5.21 -9.56 11.11
N TYR C 37 3.97 -9.53 10.63
CA TYR C 37 3.36 -10.73 10.08
C TYR C 37 4.17 -11.26 8.91
N ALA C 38 4.55 -10.39 7.98
CA ALA C 38 5.29 -10.85 6.82
C ALA C 38 6.65 -11.41 7.19
N GLN C 39 7.31 -10.82 8.18
CA GLN C 39 8.58 -11.31 8.67
C GLN C 39 8.44 -12.75 9.16
N ARG C 40 7.36 -13.05 9.86
CA ARG C 40 7.12 -14.37 10.41
C ARG C 40 6.75 -15.37 9.34
N GLN C 41 6.29 -14.92 8.18
CA GLN C 41 6.06 -15.81 7.05
C GLN C 41 7.26 -15.90 6.12
N GLY C 42 8.28 -15.07 6.33
CA GLY C 42 9.43 -15.07 5.46
C GLY C 42 9.18 -14.51 4.07
N VAL C 43 8.30 -13.52 3.93
CA VAL C 43 8.03 -12.93 2.63
C VAL C 43 8.06 -11.39 2.74
N PRO C 44 8.15 -10.71 1.60
CA PRO C 44 8.10 -9.25 1.63
C PRO C 44 6.72 -8.77 2.03
N MET C 45 6.68 -7.73 2.86
N MET C 45 6.68 -7.73 2.88
CA MET C 45 5.39 -7.26 3.36
CA MET C 45 5.40 -7.22 3.36
C MET C 45 4.44 -6.90 2.23
C MET C 45 4.45 -6.93 2.21
N ASN C 46 4.93 -6.25 1.17
CA ASN C 46 4.04 -5.81 0.10
C ASN C 46 3.74 -6.89 -0.92
N SER C 47 4.25 -8.12 -0.72
CA SER C 47 3.81 -9.28 -1.49
C SER C 47 2.45 -9.79 -1.02
N LEU C 48 1.94 -9.23 0.06
CA LEU C 48 0.67 -9.59 0.66
C LEU C 48 -0.26 -8.41 0.57
N ARG C 49 -1.54 -8.66 0.84
CA ARG C 49 -2.53 -7.63 1.05
C ARG C 49 -3.32 -7.99 2.30
N PHE C 50 -3.52 -7.01 3.18
CA PHE C 50 -4.15 -7.19 4.47
C PHE C 50 -5.47 -6.46 4.42
N LEU C 51 -6.56 -7.18 4.71
CA LEU C 51 -7.90 -6.64 4.57
C LEU C 51 -8.63 -6.63 5.90
N PHE C 52 -9.35 -5.55 6.15
CA PHE C 52 -10.26 -5.46 7.27
C PHE C 52 -11.65 -5.19 6.69
N GLU C 53 -12.57 -6.11 6.93
CA GLU C 53 -13.90 -6.05 6.33
C GLU C 53 -13.82 -5.91 4.81
N GLY C 54 -12.87 -6.62 4.21
CA GLY C 54 -12.69 -6.63 2.78
C GLY C 54 -11.96 -5.44 2.20
N GLN C 55 -11.57 -4.48 3.02
CA GLN C 55 -10.91 -3.28 2.54
C GLN C 55 -9.42 -3.30 2.90
N ARG C 56 -8.61 -2.78 1.99
CA ARG C 56 -7.17 -2.87 2.14
C ARG C 56 -6.66 -1.91 3.22
N ILE C 57 -5.80 -2.44 4.08
CA ILE C 57 -5.15 -1.68 5.14
C ILE C 57 -3.89 -1.03 4.59
N ALA C 58 -3.83 0.31 4.67
CA ALA C 58 -2.67 1.10 4.26
C ALA C 58 -1.63 1.15 5.38
N ASP C 59 -0.38 1.47 5.03
CA ASP C 59 0.69 1.53 6.02
C ASP C 59 0.34 2.47 7.18
N ASN C 60 -0.24 3.63 6.87
CA ASN C 60 -0.51 4.67 7.86
C ASN C 60 -1.84 4.51 8.58
N HIS C 61 -2.70 3.60 8.14
CA HIS C 61 -3.96 3.37 8.85
C HIS C 61 -3.69 2.94 10.27
N THR C 62 -4.56 3.37 11.17
CA THR C 62 -4.54 2.92 12.55
C THR C 62 -5.83 2.23 12.89
N PRO C 63 -5.86 1.45 13.98
CA PRO C 63 -7.14 0.88 14.41
C PRO C 63 -8.19 1.95 14.65
N LYS C 64 -7.81 3.10 15.22
CA LYS C 64 -8.75 4.18 15.44
C LYS C 64 -9.38 4.67 14.13
N GLU C 65 -8.56 4.88 13.11
CA GLU C 65 -9.08 5.37 11.84
C GLU C 65 -10.02 4.36 11.19
N LEU C 66 -9.74 3.09 11.34
CA LEU C 66 -10.48 2.01 10.68
C LEU C 66 -11.66 1.52 11.50
N GLY C 67 -11.82 1.99 12.74
CA GLY C 67 -12.92 1.52 13.55
C GLY C 67 -12.76 0.13 14.10
N MET C 68 -11.53 -0.32 14.30
CA MET C 68 -11.28 -1.66 14.81
C MET C 68 -11.48 -1.71 16.32
N GLU C 69 -11.80 -2.90 16.80
CA GLU C 69 -12.14 -3.18 18.19
C GLU C 69 -11.51 -4.50 18.60
N GLU C 70 -11.49 -4.74 19.92
CA GLU C 70 -10.99 -5.99 20.48
C GLU C 70 -11.55 -7.19 19.75
N GLU C 71 -10.64 -8.10 19.36
CA GLU C 71 -10.94 -9.38 18.71
C GLU C 71 -11.32 -9.24 17.24
N ASP C 72 -11.18 -8.08 16.63
CA ASP C 72 -11.45 -7.97 15.20
C ASP C 72 -10.44 -8.77 14.38
N VAL C 73 -10.90 -9.19 13.20
CA VAL C 73 -10.17 -10.06 12.28
C VAL C 73 -9.59 -9.24 11.14
N ILE C 74 -8.32 -9.49 10.83
CA ILE C 74 -7.67 -9.03 9.61
C ILE C 74 -7.38 -10.26 8.78
N GLU C 75 -7.72 -10.22 7.50
CA GLU C 75 -7.45 -11.34 6.59
C GLU C 75 -6.26 -11.01 5.72
N VAL C 76 -5.37 -11.97 5.52
CA VAL C 76 -4.19 -11.79 4.68
C VAL C 76 -4.31 -12.67 3.44
N TYR C 77 -4.11 -12.07 2.28
CA TYR C 77 -4.14 -12.71 0.98
C TYR C 77 -2.84 -12.42 0.23
N GLN C 78 -2.49 -13.28 -0.71
CA GLN C 78 -1.43 -12.92 -1.63
C GLN C 78 -1.85 -11.70 -2.44
N GLU C 79 -0.87 -10.88 -2.81
CA GLU C 79 -1.18 -9.80 -3.73
C GLU C 79 -1.71 -10.36 -5.04
N GLN C 80 -2.64 -9.63 -5.65
CA GLN C 80 -3.15 -10.03 -6.95
C GLN C 80 -2.09 -9.76 -8.03
N THR C 81 -2.14 -10.57 -9.08
CA THR C 81 -1.26 -10.44 -10.22
C THR C 81 -2.08 -10.11 -11.46
N ALA D 5 -1.80 -25.76 16.29
CA ALA D 5 -0.83 -24.71 16.56
C ALA D 5 -1.09 -24.07 17.90
N GLU D 6 -0.04 -23.55 18.52
CA GLU D 6 -0.18 -22.86 19.80
C GLU D 6 -0.63 -21.43 19.54
N GLU D 7 -1.19 -20.82 20.59
CA GLU D 7 -1.58 -19.41 20.51
C GLU D 7 -0.33 -18.55 20.36
N ARG D 8 -0.39 -17.57 19.48
CA ARG D 8 0.71 -16.67 19.23
C ARG D 8 0.19 -15.24 19.33
N ILE D 9 0.71 -14.48 20.30
CA ILE D 9 0.37 -13.07 20.49
C ILE D 9 1.66 -12.27 20.48
N ILE D 10 1.72 -11.28 19.58
CA ILE D 10 2.84 -10.36 19.45
C ILE D 10 2.37 -8.98 19.90
N VAL D 11 3.11 -8.34 20.80
CA VAL D 11 2.79 -7.00 21.27
C VAL D 11 3.61 -6.00 20.44
N LEU D 12 2.92 -5.04 19.84
CA LEU D 12 3.59 -4.01 19.03
C LEU D 12 3.67 -2.71 19.83
N SEP D 13 4.52 -2.14 20.82
CA SEP D 13 4.39 -0.93 21.63
CB SEP D 13 5.12 -1.13 22.95
OG SEP D 13 6.49 -1.40 22.72
C SEP D 13 4.95 0.28 20.89
O SEP D 13 5.62 0.15 19.88
P SEP D 13 7.13 -2.13 24.01
O1P SEP D 13 6.80 -1.27 25.32
O2P SEP D 13 8.72 -2.24 23.80
O3P SEP D 13 6.50 -3.62 24.14
HA SEP D 13 3.45 -0.76 21.82
HB2 SEP D 13 4.73 -1.87 23.44
HB3 SEP D 13 5.06 -0.32 23.48
#